data_9S1V
#
_entry.id   9S1V
#
_cell.length_a   106.780
_cell.length_b   109.910
_cell.length_c   36.150
_cell.angle_alpha   90.00
_cell.angle_beta   90.00
_cell.angle_gamma   90.00
#
_symmetry.space_group_name_H-M   'P 21 21 2'
#
loop_
_entity.id
_entity.type
_entity.pdbx_description
1 polymer 'Indoleamine 2,3-dioxygenase 1'
2 non-polymer DI(HYDROXYETHYL)ETHER
3 non-polymer '[(1~{R},2~{S},6~{S},8~{R})-4-(4-~{tert}-butyl-2-methyl-phenyl)sulfonyl-9,9-dimethyl-4-azatricyclo[6.1.1.0^{2,6}]decan-2-yl]methyl ~{N}-(4-ethynylphenyl)carbamate'
4 non-polymer 'DIMETHYL SULFOXIDE'
5 water water
#
_entity_poly.entity_id   1
_entity_poly.type   'polypeptide(L)'
_entity_poly.pdbx_seq_one_letter_code
;GPLGSGIQMENSWTISKEYHIDEEVGFALPNPQENLPDFYNDWMFIAKHLPDLIESGQLRERVEKLNMLSIDHLTDHKSQ
RLARLVLGCITMAYVWGKGHGDVRKVLPRNIAVPYCQLSKKLELPPILVYADCVLANWKKKDPNKPLTYENMDVLFSFRD
GDCSKGFFLVSLLVEIAAASAIKVIPTVFKAMQMQERDTLLKALLEIASCLEKALQVFHQIHDHVNPKAFFSVLRIYLSG
WKGNPQLSDGLVYEGFWEDPKEFAGGSAGQSSVFQCFDVLLGIQQTAGGGHAAQFLQDMRRYMPPAHRNFLCSLESNPSV
REFVLSKGDAGLREAYDACVKALVSLRSYHLQIVTKYILIPASQQPKENKTSEDPSKLEAKGTGGTDLMNFLKTVRSTTE
KSLL
;
_entity_poly.pdbx_strand_id   A
#
# COMPACT_ATOMS: atom_id res chain seq x y z
N SER A 5 -2.35 0.19 27.49
CA SER A 5 -2.71 -0.35 26.15
C SER A 5 -3.44 0.72 25.31
N GLY A 6 -2.80 1.15 24.23
CA GLY A 6 -3.40 2.14 23.36
C GLY A 6 -4.46 1.60 22.43
N ILE A 7 -4.33 0.36 21.99
CA ILE A 7 -5.21 -0.18 20.96
C ILE A 7 -6.63 -0.31 21.51
N GLN A 8 -7.56 0.38 20.88
CA GLN A 8 -8.99 0.29 21.24
C GLN A 8 -9.55 -1.05 20.77
N MET A 9 -10.38 -1.66 21.61
CA MET A 9 -10.91 -2.99 21.33
C MET A 9 -12.41 -2.91 21.05
N GLU A 10 -12.85 -3.74 20.12
CA GLU A 10 -14.29 -3.90 19.86
C GLU A 10 -14.93 -4.77 20.92
N ASN A 11 -14.24 -5.81 21.36
CA ASN A 11 -14.70 -6.72 22.41
C ASN A 11 -13.45 -7.35 23.02
N SER A 12 -13.63 -8.45 23.76
CA SER A 12 -12.45 -9.00 24.42
C SER A 12 -11.45 -9.63 23.44
N TRP A 13 -11.85 -9.88 22.20
CA TRP A 13 -11.04 -10.65 21.26
C TRP A 13 -10.52 -9.82 20.09
N THR A 14 -11.28 -8.83 19.62
CA THR A 14 -10.99 -8.16 18.36
C THR A 14 -10.73 -6.68 18.56
N ILE A 15 -9.79 -6.15 17.79
CA ILE A 15 -9.51 -4.71 17.82
C ILE A 15 -10.68 -3.94 17.25
N SER A 16 -10.77 -2.66 17.62
CA SER A 16 -11.91 -1.86 17.23
C SER A 16 -12.04 -1.83 15.72
N LYS A 17 -13.30 -1.87 15.24
CA LYS A 17 -13.60 -1.75 13.83
C LYS A 17 -13.26 -0.36 13.29
N GLU A 18 -13.13 0.63 14.18
CA GLU A 18 -12.71 1.96 13.77
C GLU A 18 -11.31 1.97 13.15
N TYR A 19 -10.50 0.93 13.37
CA TYR A 19 -9.20 0.89 12.70
C TYR A 19 -9.24 0.32 11.29
N HIS A 20 -10.39 -0.20 10.84
CA HIS A 20 -10.56 -0.73 9.48
C HIS A 20 -9.48 -1.75 9.11
N ILE A 21 -9.23 -2.65 10.04
CA ILE A 21 -8.31 -3.76 9.84
C ILE A 21 -9.09 -5.05 9.90
N ASP A 22 -9.05 -5.83 8.84
CA ASP A 22 -9.89 -7.01 8.72
C ASP A 22 -9.13 -8.23 9.23
N GLU A 23 -9.83 -9.13 9.93
CA GLU A 23 -9.14 -10.32 10.45
C GLU A 23 -8.61 -11.22 9.35
N GLU A 24 -9.26 -11.26 8.18
CA GLU A 24 -8.79 -12.15 7.10
C GLU A 24 -7.78 -11.47 6.16
N VAL A 25 -8.00 -10.22 5.76
CA VAL A 25 -7.12 -9.57 4.79
C VAL A 25 -6.37 -8.37 5.37
N GLY A 26 -6.49 -8.10 6.67
CA GLY A 26 -5.59 -7.13 7.28
C GLY A 26 -5.86 -5.69 6.82
N PHE A 27 -4.79 -4.99 6.42
CA PHE A 27 -4.94 -3.63 5.91
C PHE A 27 -5.67 -3.60 4.56
N ALA A 28 -5.73 -4.71 3.86
CA ALA A 28 -6.47 -4.70 2.60
C ALA A 28 -7.96 -4.49 2.88
N LEU A 29 -8.65 -4.01 1.85
CA LEU A 29 -10.09 -3.81 1.91
C LEU A 29 -10.78 -5.14 1.65
N PRO A 30 -11.63 -5.62 2.57
CA PRO A 30 -12.25 -6.94 2.39
C PRO A 30 -13.31 -6.87 1.32
N ASN A 31 -13.40 -7.93 0.53
CA ASN A 31 -14.38 -8.09 -0.54
C ASN A 31 -14.69 -6.78 -1.23
N PRO A 32 -13.73 -6.23 -1.98
CA PRO A 32 -13.95 -4.90 -2.60
C PRO A 32 -15.15 -4.89 -3.52
N GLN A 33 -15.76 -3.71 -3.65
CA GLN A 33 -16.81 -3.50 -4.64
C GLN A 33 -16.19 -3.52 -6.04
N GLU A 34 -16.87 -4.19 -6.99
CA GLU A 34 -16.40 -4.30 -8.37
CA GLU A 34 -16.40 -4.29 -8.37
C GLU A 34 -17.15 -3.39 -9.33
N ASN A 35 -18.39 -3.02 -9.00
CA ASN A 35 -19.19 -2.14 -9.85
C ASN A 35 -19.70 -0.96 -9.05
N LEU A 36 -19.69 0.22 -9.67
CA LEU A 36 -20.35 1.38 -9.13
C LEU A 36 -21.83 1.35 -9.51
N PRO A 37 -22.65 2.15 -8.83
CA PRO A 37 -24.02 2.39 -9.32
C PRO A 37 -24.02 2.76 -10.79
N ASP A 38 -25.13 2.44 -11.46
CA ASP A 38 -25.30 2.73 -12.88
C ASP A 38 -24.99 4.18 -13.21
N PHE A 39 -25.27 5.10 -12.28
CA PHE A 39 -25.08 6.52 -12.52
C PHE A 39 -23.67 6.84 -13.00
N TYR A 40 -22.70 6.03 -12.58
CA TYR A 40 -21.28 6.24 -12.87
C TYR A 40 -20.76 5.32 -13.98
N ASN A 41 -21.64 4.74 -14.79
CA ASN A 41 -21.17 3.82 -15.83
C ASN A 41 -20.08 4.46 -16.72
N ASP A 42 -20.19 5.76 -17.00
CA ASP A 42 -19.23 6.39 -17.92
C ASP A 42 -17.80 6.36 -17.37
N TRP A 43 -17.65 6.57 -16.06
CA TRP A 43 -16.34 6.43 -15.42
C TRP A 43 -15.83 5.01 -15.49
N MET A 44 -16.71 4.05 -15.20
CA MET A 44 -16.32 2.64 -15.22
CA MET A 44 -16.31 2.65 -15.23
C MET A 44 -15.84 2.22 -16.61
N PHE A 45 -16.54 2.65 -17.65
CA PHE A 45 -16.12 2.31 -19.00
C PHE A 45 -14.67 2.73 -19.26
N ILE A 46 -14.32 3.97 -18.91
CA ILE A 46 -12.97 4.44 -19.20
C ILE A 46 -11.93 3.66 -18.39
N ALA A 47 -12.19 3.43 -17.10
CA ALA A 47 -11.18 2.74 -16.28
C ALA A 47 -11.00 1.32 -16.77
N LYS A 48 -12.09 0.68 -17.23
CA LYS A 48 -11.99 -0.69 -17.70
C LYS A 48 -11.27 -0.76 -19.04
N HIS A 49 -11.26 0.31 -19.83
CA HIS A 49 -10.68 0.27 -21.18
C HIS A 49 -9.40 1.10 -21.27
N LEU A 50 -8.80 1.40 -20.13
CA LEU A 50 -7.57 2.21 -20.11
C LEU A 50 -6.49 1.67 -21.02
N PRO A 51 -6.18 0.38 -21.01
CA PRO A 51 -5.11 -0.10 -21.93
C PRO A 51 -5.33 0.23 -23.37
N ASP A 52 -6.52 -0.10 -23.91
CA ASP A 52 -6.76 0.20 -25.30
C ASP A 52 -7.03 1.71 -25.55
N LEU A 53 -7.49 2.45 -24.55
CA LEU A 53 -7.69 3.88 -24.77
C LEU A 53 -6.37 4.65 -24.80
N ILE A 54 -5.45 4.31 -23.90
CA ILE A 54 -4.11 4.89 -23.97
C ILE A 54 -3.43 4.52 -25.27
N GLU A 55 -3.48 3.23 -25.61
CA GLU A 55 -2.69 2.73 -26.72
C GLU A 55 -3.14 3.37 -28.01
N SER A 56 -4.45 3.61 -28.14
CA SER A 56 -4.99 4.21 -29.34
C SER A 56 -4.96 5.73 -29.32
N GLY A 57 -4.48 6.34 -28.25
CA GLY A 57 -4.50 7.80 -28.13
C GLY A 57 -5.88 8.40 -27.95
N GLN A 58 -6.83 7.63 -27.44
CA GLN A 58 -8.21 8.07 -27.29
C GLN A 58 -8.54 8.52 -25.88
N LEU A 59 -7.67 8.25 -24.90
CA LEU A 59 -8.03 8.40 -23.50
C LEU A 59 -8.35 9.85 -23.18
N ARG A 60 -7.49 10.77 -23.59
CA ARG A 60 -7.66 12.15 -23.14
C ARG A 60 -8.92 12.76 -23.70
N GLU A 61 -9.20 12.54 -24.99
CA GLU A 61 -10.41 13.09 -25.58
C GLU A 61 -11.66 12.52 -24.93
N ARG A 62 -11.63 11.23 -24.56
CA ARG A 62 -12.77 10.62 -23.87
C ARG A 62 -13.01 11.26 -22.51
N VAL A 63 -11.94 11.51 -21.75
CA VAL A 63 -12.08 12.17 -20.44
C VAL A 63 -12.62 13.60 -20.60
N GLU A 64 -12.17 14.31 -21.63
CA GLU A 64 -12.62 15.68 -21.90
C GLU A 64 -14.09 15.76 -22.29
N LYS A 65 -14.69 14.70 -22.79
CA LYS A 65 -16.11 14.67 -23.11
C LYS A 65 -16.98 14.21 -21.94
N LEU A 66 -16.39 13.81 -20.82
CA LEU A 66 -17.20 13.36 -19.69
C LEU A 66 -18.06 14.48 -19.12
N ASN A 67 -19.28 14.13 -18.74
CA ASN A 67 -20.12 14.99 -17.94
C ASN A 67 -19.68 14.98 -16.48
N MET A 68 -20.07 16.01 -15.77
CA MET A 68 -19.81 16.17 -14.35
C MET A 68 -20.75 15.25 -13.57
N LEU A 69 -20.19 14.30 -12.80
CA LEU A 69 -21.02 13.39 -12.03
C LEU A 69 -20.79 13.66 -10.55
N SER A 70 -21.87 13.96 -9.84
CA SER A 70 -21.81 14.16 -8.40
C SER A 70 -21.50 12.87 -7.66
N ILE A 71 -20.75 13.01 -6.55
CA ILE A 71 -20.39 11.85 -5.75
C ILE A 71 -21.43 11.50 -4.70
N ASP A 72 -22.57 12.19 -4.67
CA ASP A 72 -23.55 11.96 -3.61
C ASP A 72 -24.08 10.54 -3.63
N HIS A 73 -24.06 9.89 -4.79
CA HIS A 73 -24.58 8.53 -4.89
C HIS A 73 -23.58 7.49 -4.46
N LEU A 74 -22.47 7.92 -3.89
CA LEU A 74 -21.45 7.01 -3.37
C LEU A 74 -21.64 7.02 -1.85
N THR A 75 -22.53 6.15 -1.38
CA THR A 75 -23.08 6.23 -0.04
C THR A 75 -22.32 5.44 1.02
N ASP A 76 -21.50 4.47 0.63
CA ASP A 76 -20.82 3.61 1.60
C ASP A 76 -19.32 3.63 1.35
N HIS A 77 -18.55 3.23 2.37
CA HIS A 77 -17.10 3.28 2.26
C HIS A 77 -16.58 2.50 1.04
N LYS A 78 -17.13 1.31 0.79
CA LYS A 78 -16.63 0.49 -0.31
C LYS A 78 -16.85 1.14 -1.66
N SER A 79 -18.03 1.73 -1.89
CA SER A 79 -18.24 2.38 -3.18
C SER A 79 -17.38 3.64 -3.31
N GLN A 80 -17.10 4.34 -2.21
CA GLN A 80 -16.20 5.49 -2.25
C GLN A 80 -14.76 5.05 -2.56
N ARG A 81 -14.35 3.90 -2.04
CA ARG A 81 -13.01 3.40 -2.30
C ARG A 81 -12.88 2.93 -3.75
N LEU A 82 -13.92 2.32 -4.29
CA LEU A 82 -13.91 1.92 -5.70
C LEU A 82 -13.84 3.14 -6.59
N ALA A 83 -14.70 4.13 -6.30
CA ALA A 83 -14.69 5.35 -7.09
C ALA A 83 -13.33 6.04 -7.08
N ARG A 84 -12.67 6.08 -5.92
CA ARG A 84 -11.33 6.69 -5.83
C ARG A 84 -10.32 5.95 -6.69
N LEU A 85 -10.42 4.62 -6.72
CA LEU A 85 -9.54 3.80 -7.56
C LEU A 85 -9.81 4.08 -9.03
N VAL A 86 -11.07 4.11 -9.42
CA VAL A 86 -11.45 4.41 -10.78
C VAL A 86 -10.90 5.77 -11.19
N LEU A 87 -11.20 6.82 -10.39
CA LEU A 87 -10.77 8.17 -10.76
C LEU A 87 -9.26 8.34 -10.65
N GLY A 88 -8.62 7.64 -9.71
CA GLY A 88 -7.17 7.71 -9.63
C GLY A 88 -6.51 7.07 -10.84
N CYS A 89 -6.99 5.91 -11.27
CA CYS A 89 -6.41 5.31 -12.47
C CYS A 89 -6.58 6.23 -13.67
N ILE A 90 -7.76 6.83 -13.81
CA ILE A 90 -8.02 7.69 -14.95
C ILE A 90 -7.11 8.90 -14.90
N THR A 91 -6.90 9.45 -13.71
CA THR A 91 -6.02 10.61 -13.55
C THR A 91 -4.58 10.30 -13.94
N MET A 92 -4.06 9.14 -13.50
CA MET A 92 -2.68 8.82 -13.84
C MET A 92 -2.53 8.67 -15.35
N ALA A 93 -3.53 8.06 -15.98
CA ALA A 93 -3.48 7.84 -17.42
C ALA A 93 -3.61 9.16 -18.16
N TYR A 94 -4.46 10.06 -17.65
CA TYR A 94 -4.65 11.36 -18.30
C TYR A 94 -3.38 12.19 -18.24
N VAL A 95 -2.74 12.23 -17.07
CA VAL A 95 -1.56 13.05 -16.88
C VAL A 95 -0.39 12.52 -17.69
N TRP A 96 -0.11 11.22 -17.61
CA TRP A 96 1.10 10.70 -18.23
C TRP A 96 0.92 10.24 -19.67
N GLY A 97 -0.29 9.95 -20.09
CA GLY A 97 -0.52 9.59 -21.48
C GLY A 97 0.16 8.28 -21.79
N LYS A 98 0.88 8.25 -22.90
CA LYS A 98 1.60 7.05 -23.29
C LYS A 98 2.97 6.96 -22.65
N GLY A 99 3.38 7.96 -21.87
CA GLY A 99 4.62 7.88 -21.12
C GLY A 99 5.87 8.29 -21.87
N HIS A 100 5.74 9.06 -22.93
CA HIS A 100 6.87 9.51 -23.74
C HIS A 100 7.24 10.97 -23.51
N GLY A 101 6.62 11.66 -22.56
CA GLY A 101 6.91 13.05 -22.30
C GLY A 101 5.81 14.02 -22.69
N ASP A 102 4.74 13.56 -23.34
CA ASP A 102 3.58 14.38 -23.69
C ASP A 102 2.62 14.38 -22.50
N VAL A 103 2.93 15.25 -21.52
CA VAL A 103 2.23 15.30 -20.23
C VAL A 103 1.13 16.34 -20.24
N ARG A 104 0.07 16.13 -19.46
CA ARG A 104 -0.97 17.14 -19.26
CA ARG A 104 -0.97 17.15 -19.27
C ARG A 104 -0.80 17.76 -17.89
N LYS A 105 -0.80 19.09 -17.81
CA LYS A 105 -0.56 19.78 -16.54
C LYS A 105 -1.85 20.27 -15.89
N VAL A 106 -2.99 20.05 -16.55
CA VAL A 106 -4.32 20.43 -16.07
C VAL A 106 -5.21 19.21 -16.12
N LEU A 107 -5.76 18.85 -14.98
CA LEU A 107 -6.75 17.77 -14.91
C LEU A 107 -8.14 18.36 -15.08
N PRO A 108 -8.92 17.93 -16.07
CA PRO A 108 -10.21 18.60 -16.35
C PRO A 108 -11.19 18.52 -15.18
N ARG A 109 -12.03 19.55 -15.06
CA ARG A 109 -12.85 19.71 -13.87
C ARG A 109 -13.84 18.57 -13.68
N ASN A 110 -14.31 17.99 -14.77
CA ASN A 110 -15.26 16.88 -14.64
C ASN A 110 -14.65 15.64 -14.03
N ILE A 111 -13.33 15.52 -13.97
CA ILE A 111 -12.68 14.51 -13.16
C ILE A 111 -12.17 15.11 -11.85
N ALA A 112 -11.53 16.28 -11.94
CA ALA A 112 -10.81 16.81 -10.80
C ALA A 112 -11.74 17.09 -9.63
N VAL A 113 -12.93 17.65 -9.90
CA VAL A 113 -13.80 18.04 -8.79
C VAL A 113 -14.33 16.85 -8.02
N PRO A 114 -14.98 15.87 -8.65
CA PRO A 114 -15.41 14.68 -7.87
C PRO A 114 -14.25 13.90 -7.25
N TYR A 115 -13.12 13.80 -7.92
CA TYR A 115 -11.97 13.12 -7.34
C TYR A 115 -11.45 13.85 -6.10
N CYS A 116 -11.31 15.17 -6.18
CA CYS A 116 -10.87 15.94 -5.01
C CYS A 116 -11.90 15.92 -3.88
N GLN A 117 -13.19 15.99 -4.21
CA GLN A 117 -14.23 15.92 -3.17
C GLN A 117 -14.23 14.55 -2.50
N LEU A 118 -14.04 13.50 -3.28
CA LEU A 118 -14.05 12.16 -2.71
C LEU A 118 -12.80 11.93 -1.87
N SER A 119 -11.65 12.41 -2.35
CA SER A 119 -10.41 12.33 -1.59
C SER A 119 -10.49 13.09 -0.27
N LYS A 120 -11.13 14.26 -0.28
CA LYS A 120 -11.38 14.99 0.97
C LYS A 120 -12.19 14.14 1.95
N LYS A 121 -13.25 13.47 1.47
CA LYS A 121 -14.08 12.66 2.36
C LYS A 121 -13.25 11.56 3.04
N LEU A 122 -12.36 10.91 2.28
CA LEU A 122 -11.57 9.77 2.72
C LEU A 122 -10.25 10.17 3.34
N GLU A 123 -9.99 11.47 3.42
CA GLU A 123 -8.73 12.05 3.93
C GLU A 123 -7.52 11.41 3.24
N LEU A 124 -7.60 11.30 1.92
CA LEU A 124 -6.48 10.79 1.14
C LEU A 124 -6.13 11.81 0.06
N PRO A 125 -4.86 11.91 -0.34
CA PRO A 125 -4.51 12.90 -1.35
C PRO A 125 -5.13 12.55 -2.69
N PRO A 126 -5.35 13.53 -3.55
CA PRO A 126 -5.93 13.29 -4.89
C PRO A 126 -4.88 12.80 -5.90
N ILE A 127 -4.28 11.66 -5.58
CA ILE A 127 -3.39 10.90 -6.47
C ILE A 127 -3.55 9.42 -6.13
N LEU A 128 -3.29 8.56 -7.09
CA LEU A 128 -3.37 7.14 -6.79
C LEU A 128 -2.37 6.81 -5.69
N VAL A 129 -2.81 6.02 -4.68
CA VAL A 129 -1.93 5.54 -3.63
C VAL A 129 -2.10 4.01 -3.45
N TYR A 130 -1.21 3.42 -2.64
CA TYR A 130 -1.24 1.99 -2.36
C TYR A 130 -2.62 1.48 -1.98
N ALA A 131 -3.32 2.25 -1.17
CA ALA A 131 -4.64 1.84 -0.72
C ALA A 131 -5.65 1.73 -1.86
N ASP A 132 -5.40 2.39 -2.99
CA ASP A 132 -6.18 2.18 -4.20
C ASP A 132 -5.64 1.02 -5.06
N CYS A 133 -4.40 1.10 -5.52
CA CYS A 133 -4.05 0.22 -6.60
C CYS A 133 -3.68 -1.16 -6.12
N VAL A 134 -3.55 -1.37 -4.84
CA VAL A 134 -3.36 -2.70 -4.27
C VAL A 134 -4.50 -3.09 -3.33
N LEU A 135 -4.78 -2.23 -2.30
CA LEU A 135 -5.61 -2.73 -1.21
C LEU A 135 -7.09 -2.85 -1.59
N ALA A 136 -7.54 -2.03 -2.57
CA ALA A 136 -8.92 -2.05 -3.06
C ALA A 136 -9.07 -2.60 -4.47
N ASN A 137 -7.97 -3.02 -5.11
CA ASN A 137 -8.00 -3.27 -6.55
C ASN A 137 -7.98 -4.75 -6.83
N TRP A 138 -8.96 -5.51 -6.31
CA TRP A 138 -8.92 -6.95 -6.42
C TRP A 138 -10.30 -7.59 -6.28
N LYS A 139 -10.40 -8.84 -6.76
CA LYS A 139 -11.58 -9.66 -6.60
C LYS A 139 -11.18 -11.13 -6.58
N LYS A 140 -12.08 -11.94 -6.02
CA LYS A 140 -12.02 -13.38 -6.21
C LYS A 140 -12.68 -13.77 -7.53
N LYS A 141 -12.09 -14.75 -8.22
CA LYS A 141 -12.77 -15.31 -9.38
C LYS A 141 -13.93 -16.19 -8.94
N ASP A 142 -13.67 -17.04 -7.95
CA ASP A 142 -14.68 -17.94 -7.38
C ASP A 142 -14.88 -17.58 -5.93
N PRO A 143 -16.03 -17.01 -5.53
CA PRO A 143 -16.25 -16.68 -4.12
C PRO A 143 -15.99 -17.83 -3.18
N ASN A 144 -16.15 -19.06 -3.64
CA ASN A 144 -16.06 -20.22 -2.78
C ASN A 144 -14.67 -20.86 -2.76
N LYS A 145 -13.66 -20.23 -3.34
CA LYS A 145 -12.29 -20.74 -3.27
C LYS A 145 -11.40 -19.77 -2.49
N PRO A 146 -10.26 -20.25 -1.98
CA PRO A 146 -9.45 -19.38 -1.11
C PRO A 146 -8.74 -18.24 -1.85
N LEU A 147 -8.07 -17.40 -1.06
CA LEU A 147 -7.30 -16.25 -1.53
C LEU A 147 -5.92 -16.72 -1.99
N THR A 148 -5.83 -17.07 -3.28
CA THR A 148 -4.60 -17.47 -3.93
C THR A 148 -4.50 -16.73 -5.26
N TYR A 149 -3.28 -16.66 -5.77
CA TYR A 149 -3.04 -15.98 -7.05
C TYR A 149 -3.99 -16.53 -8.12
N GLU A 150 -4.07 -17.88 -8.22
CA GLU A 150 -4.89 -18.50 -9.27
C GLU A 150 -6.37 -18.11 -9.17
N ASN A 151 -6.85 -17.78 -7.97
CA ASN A 151 -8.27 -17.52 -7.76
C ASN A 151 -8.59 -16.03 -7.67
N MET A 152 -7.66 -15.17 -8.09
CA MET A 152 -7.84 -13.74 -7.92
C MET A 152 -7.51 -12.99 -9.20
N ASP A 153 -8.04 -11.76 -9.27
CA ASP A 153 -7.73 -10.83 -10.36
C ASP A 153 -7.71 -9.43 -9.77
N VAL A 154 -7.03 -8.51 -10.49
CA VAL A 154 -7.16 -7.10 -10.16
C VAL A 154 -8.38 -6.60 -10.90
N LEU A 155 -8.80 -5.38 -10.56
CA LEU A 155 -9.94 -4.75 -11.23
C LEU A 155 -9.45 -3.89 -12.39
N PHE A 156 -8.35 -3.16 -12.20
CA PHE A 156 -7.85 -2.24 -13.23
C PHE A 156 -6.35 -2.40 -13.47
N SER A 157 -5.99 -2.22 -14.76
CA SER A 157 -4.60 -2.13 -15.20
CA SER A 157 -4.60 -2.13 -15.20
C SER A 157 -4.44 -0.89 -16.09
N PHE A 158 -3.18 -0.51 -16.37
CA PHE A 158 -2.92 0.67 -17.20
C PHE A 158 -2.63 0.35 -18.66
N ARG A 159 -1.72 -0.56 -18.94
CA ARG A 159 -1.38 -0.96 -20.29
C ARG A 159 -1.30 -2.47 -20.35
N ASP A 160 -1.66 -3.04 -21.49
CA ASP A 160 -1.47 -4.48 -21.68
C ASP A 160 0.01 -4.80 -21.65
N GLY A 161 0.37 -5.77 -20.85
CA GLY A 161 1.75 -6.13 -20.69
C GLY A 161 2.49 -5.33 -19.65
N ASP A 162 1.80 -4.52 -18.86
CA ASP A 162 2.47 -3.75 -17.83
C ASP A 162 2.75 -4.56 -16.57
N CYS A 163 2.28 -5.83 -16.51
CA CYS A 163 2.43 -6.70 -15.35
C CYS A 163 1.79 -6.15 -14.08
N SER A 164 0.78 -5.29 -14.22
CA SER A 164 0.16 -4.76 -13.02
C SER A 164 -0.60 -5.84 -12.25
N LYS A 165 -1.12 -6.86 -12.94
CA LYS A 165 -1.76 -7.94 -12.20
C LYS A 165 -0.76 -8.61 -11.25
N GLY A 166 0.39 -9.02 -11.79
CA GLY A 166 1.38 -9.68 -10.94
C GLY A 166 1.89 -8.77 -9.83
N PHE A 167 2.17 -7.52 -10.16
CA PHE A 167 2.76 -6.63 -9.18
C PHE A 167 1.79 -6.29 -8.07
N PHE A 168 0.55 -5.98 -8.43
CA PHE A 168 -0.42 -5.61 -7.42
C PHE A 168 -0.85 -6.83 -6.57
N LEU A 169 -1.17 -7.94 -7.24
CA LEU A 169 -1.69 -9.12 -6.52
C LEU A 169 -0.65 -9.75 -5.61
N VAL A 170 0.59 -9.86 -6.07
CA VAL A 170 1.62 -10.37 -5.18
C VAL A 170 1.74 -9.46 -3.96
N SER A 171 1.73 -8.14 -4.15
CA SER A 171 1.75 -7.23 -3.02
C SER A 171 0.56 -7.46 -2.12
N LEU A 172 -0.62 -7.63 -2.71
CA LEU A 172 -1.82 -7.87 -1.92
C LEU A 172 -1.67 -9.15 -1.13
N LEU A 173 -1.11 -10.19 -1.75
CA LEU A 173 -1.01 -11.46 -1.07
C LEU A 173 -0.02 -11.42 0.09
N VAL A 174 1.01 -10.58 -0.01
CA VAL A 174 1.88 -10.34 1.13
C VAL A 174 1.10 -9.66 2.27
N GLU A 175 0.33 -8.62 1.94
CA GLU A 175 -0.53 -7.99 2.95
C GLU A 175 -1.45 -9.01 3.62
N ILE A 176 -2.06 -9.89 2.84
CA ILE A 176 -2.97 -10.90 3.41
C ILE A 176 -2.20 -11.89 4.26
N ALA A 177 -0.99 -12.27 3.88
CA ALA A 177 -0.19 -13.14 4.73
C ALA A 177 0.11 -12.46 6.07
N ALA A 178 0.43 -11.17 6.05
CA ALA A 178 0.70 -10.45 7.28
C ALA A 178 -0.54 -10.29 8.15
N ALA A 179 -1.74 -10.37 7.57
CA ALA A 179 -2.95 -10.21 8.35
C ALA A 179 -3.08 -11.27 9.43
N SER A 180 -2.59 -12.48 9.17
CA SER A 180 -2.61 -13.52 10.17
C SER A 180 -1.69 -13.21 11.33
N ALA A 181 -0.66 -12.36 11.14
CA ALA A 181 0.15 -11.90 12.25
C ALA A 181 -0.50 -10.69 12.94
N ILE A 182 -1.12 -9.81 12.17
CA ILE A 182 -1.71 -8.62 12.77
C ILE A 182 -2.83 -8.99 13.74
N LYS A 183 -3.62 -10.03 13.42
CA LYS A 183 -4.73 -10.37 14.29
C LYS A 183 -4.28 -10.96 15.63
N VAL A 184 -3.01 -11.35 15.77
CA VAL A 184 -2.46 -11.82 17.04
C VAL A 184 -2.00 -10.68 17.95
N ILE A 185 -1.91 -9.46 17.44
CA ILE A 185 -1.32 -8.37 18.24
C ILE A 185 -2.05 -8.16 19.55
N PRO A 186 -3.39 -8.13 19.62
CA PRO A 186 -4.05 -7.99 20.94
C PRO A 186 -3.64 -9.07 21.92
N THR A 187 -3.41 -10.29 21.44
CA THR A 187 -3.03 -11.38 22.34
C THR A 187 -1.66 -11.11 22.95
N VAL A 188 -0.72 -10.59 22.15
CA VAL A 188 0.58 -10.19 22.68
C VAL A 188 0.40 -9.28 23.88
N PHE A 189 -0.41 -8.24 23.71
CA PHE A 189 -0.52 -7.24 24.78
C PHE A 189 -1.29 -7.78 25.96
N LYS A 190 -2.29 -8.63 25.69
CA LYS A 190 -3.02 -9.26 26.78
C LYS A 190 -2.11 -10.18 27.58
N ALA A 191 -1.30 -10.99 26.90
CA ALA A 191 -0.43 -11.89 27.63
C ALA A 191 0.58 -11.11 28.47
N MET A 192 1.02 -9.95 28.00
CA MET A 192 1.92 -9.11 28.79
C MET A 192 1.24 -8.61 30.05
N GLN A 193 0.01 -8.09 29.94
CA GLN A 193 -0.68 -7.60 31.14
C GLN A 193 -0.92 -8.74 32.12
N MET A 194 -1.26 -9.93 31.62
CA MET A 194 -1.63 -11.05 32.49
C MET A 194 -0.43 -11.87 32.93
N GLN A 195 0.75 -11.65 32.35
CA GLN A 195 1.92 -12.48 32.63
C GLN A 195 1.71 -13.94 32.21
N GLU A 196 1.15 -14.14 31.01
CA GLU A 196 0.95 -15.47 30.47
C GLU A 196 2.15 -15.76 29.58
N ARG A 197 3.15 -16.40 30.17
CA ARG A 197 4.39 -16.69 29.46
C ARG A 197 4.13 -17.46 28.18
N ASP A 198 3.35 -18.54 28.28
CA ASP A 198 3.12 -19.40 27.11
C ASP A 198 2.30 -18.67 26.04
N THR A 199 1.25 -17.95 26.45
CA THR A 199 0.42 -17.26 25.48
C THR A 199 1.23 -16.25 24.70
N LEU A 200 2.11 -15.52 25.38
CA LEU A 200 2.93 -14.55 24.66
C LEU A 200 3.88 -15.25 23.71
N LEU A 201 4.49 -16.32 24.16
CA LEU A 201 5.41 -17.08 23.32
C LEU A 201 4.74 -17.63 22.06
N LYS A 202 3.58 -18.28 22.21
CA LYS A 202 2.85 -18.78 21.06
C LYS A 202 2.43 -17.66 20.14
N ALA A 203 2.06 -16.50 20.70
CA ALA A 203 1.70 -15.34 19.87
C ALA A 203 2.88 -14.86 19.05
N LEU A 204 4.05 -14.77 19.66
CA LEU A 204 5.23 -14.33 18.92
C LEU A 204 5.65 -15.36 17.87
N LEU A 205 5.61 -16.65 18.20
CA LEU A 205 5.90 -17.70 17.21
C LEU A 205 4.89 -17.65 16.06
N GLU A 206 3.64 -17.35 16.37
CA GLU A 206 2.66 -17.21 15.29
C GLU A 206 2.99 -16.02 14.40
N ILE A 207 3.31 -14.89 15.00
CA ILE A 207 3.69 -13.72 14.22
C ILE A 207 4.88 -14.07 13.33
N ALA A 208 5.93 -14.65 13.92
CA ALA A 208 7.10 -14.97 13.11
C ALA A 208 6.76 -15.92 11.96
N SER A 209 5.91 -16.91 12.23
CA SER A 209 5.52 -17.86 11.18
C SER A 209 4.79 -17.17 10.03
N CYS A 210 3.92 -16.19 10.34
CA CYS A 210 3.17 -15.49 9.30
C CYS A 210 4.07 -14.55 8.51
N LEU A 211 4.99 -13.86 9.18
CA LEU A 211 5.97 -13.02 8.49
C LEU A 211 6.89 -13.85 7.59
N GLU A 212 7.32 -15.03 8.04
CA GLU A 212 8.03 -15.95 7.16
C GLU A 212 7.21 -16.30 5.92
N LYS A 213 5.92 -16.66 6.09
CA LYS A 213 5.07 -16.94 4.93
C LYS A 213 4.96 -15.75 3.99
N ALA A 214 4.87 -14.55 4.56
CA ALA A 214 4.77 -13.35 3.74
C ALA A 214 5.97 -13.22 2.81
N LEU A 215 7.16 -13.55 3.30
CA LEU A 215 8.34 -13.49 2.44
C LEU A 215 8.28 -14.55 1.33
N GLN A 216 7.72 -15.72 1.62
CA GLN A 216 7.59 -16.74 0.58
CA GLN A 216 7.57 -16.75 0.58
C GLN A 216 6.60 -16.28 -0.49
N VAL A 217 5.54 -15.57 -0.08
CA VAL A 217 4.62 -14.99 -1.06
C VAL A 217 5.33 -13.95 -1.90
N PHE A 218 6.15 -13.12 -1.26
CA PHE A 218 6.92 -12.08 -1.96
C PHE A 218 7.75 -12.69 -3.09
N HIS A 219 8.32 -13.88 -2.86
CA HIS A 219 9.14 -14.52 -3.85
C HIS A 219 8.43 -14.68 -5.18
N GLN A 220 7.11 -14.60 -5.20
CA GLN A 220 6.37 -14.87 -6.41
C GLN A 220 6.48 -13.73 -7.41
N ILE A 221 6.96 -12.57 -6.98
CA ILE A 221 7.04 -11.42 -7.86
C ILE A 221 7.83 -11.74 -9.11
N HIS A 222 8.92 -12.55 -8.99
CA HIS A 222 9.74 -12.85 -10.16
C HIS A 222 8.96 -13.64 -11.23
N ASP A 223 7.93 -14.36 -10.83
CA ASP A 223 7.17 -15.22 -11.73
C ASP A 223 6.06 -14.48 -12.46
N HIS A 224 5.70 -13.26 -12.02
CA HIS A 224 4.55 -12.57 -12.57
C HIS A 224 4.89 -11.15 -13.00
N VAL A 225 6.14 -10.74 -12.84
CA VAL A 225 6.51 -9.35 -13.17
C VAL A 225 7.83 -9.36 -13.93
N ASN A 226 7.80 -8.94 -15.19
CA ASN A 226 8.99 -8.76 -16.01
C ASN A 226 9.67 -7.44 -15.63
N PRO A 227 10.96 -7.47 -15.27
CA PRO A 227 11.62 -6.21 -14.85
C PRO A 227 11.59 -5.07 -15.87
N LYS A 228 11.65 -5.38 -17.16
CA LYS A 228 11.66 -4.30 -18.17
C LYS A 228 10.28 -3.69 -18.33
N ALA A 229 9.22 -4.52 -18.28
CA ALA A 229 7.88 -3.97 -18.35
C ALA A 229 7.58 -3.12 -17.13
N PHE A 230 7.95 -3.62 -15.96
CA PHE A 230 7.73 -2.85 -14.75
C PHE A 230 8.41 -1.48 -14.84
N PHE A 231 9.68 -1.49 -15.14
CA PHE A 231 10.45 -0.28 -15.02
C PHE A 231 10.10 0.73 -16.09
N SER A 232 9.93 0.29 -17.33
CA SER A 232 9.72 1.19 -18.45
CA SER A 232 9.72 1.19 -18.45
C SER A 232 8.24 1.52 -18.65
N VAL A 233 7.34 0.77 -18.05
CA VAL A 233 5.92 1.01 -18.34
C VAL A 233 5.11 1.22 -17.07
N LEU A 234 5.02 0.22 -16.19
CA LEU A 234 4.16 0.39 -15.01
C LEU A 234 4.60 1.57 -14.14
N ARG A 235 5.90 1.74 -13.95
CA ARG A 235 6.38 2.81 -13.07
C ARG A 235 5.95 4.20 -13.55
N ILE A 236 5.74 4.36 -14.83
CA ILE A 236 5.26 5.64 -15.36
C ILE A 236 3.96 6.05 -14.66
N TYR A 237 3.01 5.14 -14.54
CA TYR A 237 1.69 5.44 -14.03
C TYR A 237 1.63 5.46 -12.51
N LEU A 238 2.68 5.02 -11.84
CA LEU A 238 2.81 5.16 -10.40
C LEU A 238 3.62 6.39 -10.02
N SER A 239 4.05 7.18 -11.00
CA SER A 239 4.82 8.40 -10.75
C SER A 239 3.89 9.55 -10.43
N GLY A 240 4.39 10.47 -9.59
CA GLY A 240 3.64 11.61 -9.16
C GLY A 240 4.22 12.96 -9.56
N TRP A 241 3.77 14.00 -8.91
CA TRP A 241 4.12 15.35 -9.31
C TRP A 241 4.58 16.13 -8.08
N LYS A 242 5.48 15.50 -7.32
CA LYS A 242 6.17 16.15 -6.20
C LYS A 242 7.66 16.02 -6.43
N GLY A 243 8.32 17.13 -6.77
CA GLY A 243 9.72 17.04 -7.11
C GLY A 243 9.97 16.39 -8.46
N ASN A 244 8.98 16.47 -9.35
CA ASN A 244 9.10 15.89 -10.67
C ASN A 244 9.39 16.97 -11.70
N PRO A 245 10.54 16.92 -12.37
CA PRO A 245 10.88 18.02 -13.30
C PRO A 245 9.90 18.18 -14.47
N GLN A 246 9.10 17.14 -14.77
CA GLN A 246 8.12 17.27 -15.84
C GLN A 246 6.87 18.02 -15.43
N LEU A 247 6.58 18.04 -14.13
CA LEU A 247 5.49 18.82 -13.55
C LEU A 247 6.08 19.57 -12.35
N SER A 248 6.99 20.52 -12.63
CA SER A 248 7.80 21.11 -11.57
C SER A 248 6.97 21.82 -10.53
N ASP A 249 5.83 22.37 -10.92
CA ASP A 249 4.96 23.05 -9.97
C ASP A 249 3.83 22.16 -9.48
N GLY A 250 3.71 20.93 -9.96
CA GLY A 250 2.53 20.14 -9.64
C GLY A 250 1.47 20.20 -10.72
N LEU A 251 0.31 19.67 -10.35
CA LEU A 251 -0.84 19.48 -11.23
C LEU A 251 -1.95 20.44 -10.86
N VAL A 252 -2.56 21.05 -11.88
CA VAL A 252 -3.75 21.87 -11.68
C VAL A 252 -5.00 20.99 -11.67
N TYR A 253 -5.70 20.99 -10.55
CA TYR A 253 -6.96 20.27 -10.40
C TYR A 253 -8.06 21.28 -10.73
N GLU A 254 -8.46 21.29 -12.02
CA GLU A 254 -9.32 22.36 -12.51
C GLU A 254 -10.64 22.37 -11.76
N GLY A 255 -11.04 23.57 -11.31
CA GLY A 255 -12.28 23.72 -10.60
C GLY A 255 -12.23 23.35 -9.13
N PHE A 256 -11.07 22.94 -8.62
CA PHE A 256 -10.93 22.68 -7.18
C PHE A 256 -9.93 23.64 -6.53
N TRP A 257 -8.67 23.70 -7.00
CA TRP A 257 -7.74 24.76 -6.60
C TRP A 257 -7.32 25.60 -7.79
N GLU A 258 -7.06 26.88 -7.54
CA GLU A 258 -6.55 27.73 -8.62
C GLU A 258 -5.08 27.44 -8.95
N ASP A 259 -4.25 27.19 -7.92
CA ASP A 259 -2.82 26.93 -8.08
C ASP A 259 -2.53 25.44 -8.24
N PRO A 260 -1.48 25.09 -8.97
CA PRO A 260 -1.06 23.69 -9.02
C PRO A 260 -0.60 23.21 -7.65
N LYS A 261 -0.77 21.89 -7.44
CA LYS A 261 -0.48 21.25 -6.17
C LYS A 261 0.39 20.02 -6.41
N GLU A 262 1.37 19.81 -5.53
CA GLU A 262 2.30 18.70 -5.59
C GLU A 262 1.85 17.55 -4.68
N PHE A 263 1.74 16.37 -5.25
CA PHE A 263 1.53 15.13 -4.53
C PHE A 263 2.46 14.05 -5.06
N ALA A 264 2.91 13.21 -4.14
CA ALA A 264 3.94 12.23 -4.41
C ALA A 264 3.37 10.96 -5.02
N GLY A 265 4.20 10.32 -5.86
CA GLY A 265 3.84 9.05 -6.44
C GLY A 265 4.04 7.91 -5.47
N GLY A 266 3.83 6.71 -5.97
CA GLY A 266 3.85 5.55 -5.10
C GLY A 266 5.22 5.37 -4.48
N SER A 267 5.22 4.77 -3.30
CA SER A 267 6.42 4.45 -2.55
C SER A 267 6.09 3.25 -1.65
N ALA A 268 7.11 2.43 -1.40
CA ALA A 268 6.95 1.31 -0.45
C ALA A 268 6.60 1.80 0.94
N GLY A 269 6.89 3.06 1.25
CA GLY A 269 6.49 3.61 2.54
C GLY A 269 5.00 3.77 2.73
N GLN A 270 4.18 3.51 1.71
CA GLN A 270 2.74 3.61 1.89
C GLN A 270 2.14 2.34 2.45
N SER A 271 2.83 1.21 2.36
CA SER A 271 2.36 -0.03 3.03
C SER A 271 2.55 0.10 4.53
N SER A 272 1.54 -0.31 5.30
CA SER A 272 1.63 -0.19 6.73
C SER A 272 2.34 -1.37 7.38
N VAL A 273 2.62 -2.45 6.61
CA VAL A 273 3.14 -3.67 7.21
C VAL A 273 4.49 -3.42 7.88
N PHE A 274 5.44 -2.79 7.18
CA PHE A 274 6.77 -2.63 7.80
C PHE A 274 6.69 -1.86 9.12
N GLN A 275 6.04 -0.69 9.09
CA GLN A 275 6.01 0.08 10.32
C GLN A 275 5.24 -0.62 11.43
N CYS A 276 4.18 -1.36 11.06
CA CYS A 276 3.41 -2.08 12.08
C CYS A 276 4.31 -2.97 12.91
N PHE A 277 5.15 -3.78 12.25
CA PHE A 277 5.95 -4.72 13.03
C PHE A 277 7.23 -4.11 13.55
N ASP A 278 7.75 -3.06 12.92
CA ASP A 278 8.83 -2.31 13.55
C ASP A 278 8.39 -1.73 14.89
N VAL A 279 7.18 -1.15 14.94
CA VAL A 279 6.70 -0.58 16.20
C VAL A 279 6.48 -1.69 17.22
N LEU A 280 5.78 -2.74 16.80
CA LEU A 280 5.48 -3.83 17.72
C LEU A 280 6.75 -4.38 18.37
N LEU A 281 7.80 -4.56 17.59
CA LEU A 281 9.02 -5.16 18.11
C LEU A 281 10.01 -4.13 18.64
N GLY A 282 9.65 -2.86 18.64
CA GLY A 282 10.51 -1.80 19.16
C GLY A 282 11.72 -1.50 18.30
N ILE A 283 11.59 -1.59 16.99
CA ILE A 283 12.68 -1.27 16.07
C ILE A 283 12.48 0.17 15.56
N GLN A 284 13.37 1.06 15.96
CA GLN A 284 13.34 2.45 15.51
C GLN A 284 14.28 2.61 14.33
N GLN A 285 13.74 2.99 13.18
CA GLN A 285 14.53 3.18 11.97
C GLN A 285 15.18 4.56 11.98
N THR A 286 16.49 4.60 11.69
CA THR A 286 17.25 5.84 11.70
C THR A 286 17.90 6.19 10.36
N ALA A 287 17.81 5.30 9.36
CA ALA A 287 18.55 5.47 8.11
C ALA A 287 18.11 6.72 7.36
N GLY A 288 19.08 7.57 7.03
CA GLY A 288 18.82 8.75 6.22
C GLY A 288 18.45 10.00 7.00
N GLY A 289 18.47 9.95 8.34
CA GLY A 289 18.27 11.12 9.17
C GLY A 289 16.88 11.73 9.04
N GLY A 290 16.82 13.04 9.29
CA GLY A 290 15.53 13.73 9.27
C GLY A 290 14.86 13.70 7.90
N HIS A 291 15.64 13.89 6.83
CA HIS A 291 15.06 13.93 5.49
C HIS A 291 14.37 12.61 5.14
N ALA A 292 14.87 11.48 5.63
CA ALA A 292 14.20 10.21 5.39
C ALA A 292 12.99 10.04 6.30
N ALA A 293 13.13 10.42 7.58
CA ALA A 293 11.99 10.41 8.48
C ALA A 293 10.88 11.33 7.97
N GLN A 294 11.24 12.52 7.48
CA GLN A 294 10.23 13.41 6.93
C GLN A 294 9.53 12.77 5.73
N PHE A 295 10.28 12.15 4.82
CA PHE A 295 9.66 11.50 3.68
C PHE A 295 8.76 10.36 4.13
N LEU A 296 9.22 9.55 5.08
CA LEU A 296 8.43 8.40 5.51
C LEU A 296 7.19 8.85 6.27
N GLN A 297 7.30 9.89 7.11
CA GLN A 297 6.10 10.46 7.75
C GLN A 297 5.13 10.99 6.70
N ASP A 298 5.65 11.63 5.63
CA ASP A 298 4.75 12.09 4.59
C ASP A 298 4.02 10.92 3.95
N MET A 299 4.72 9.77 3.74
CA MET A 299 4.05 8.65 3.11
C MET A 299 3.03 8.00 4.08
N ARG A 300 3.25 8.12 5.37
CA ARG A 300 2.23 7.69 6.32
C ARG A 300 0.94 8.50 6.17
N ARG A 301 1.05 9.76 5.80
CA ARG A 301 -0.16 10.51 5.49
C ARG A 301 -0.85 10.09 4.20
N TYR A 302 -0.25 9.22 3.41
CA TYR A 302 -0.90 8.65 2.24
C TYR A 302 -1.51 7.27 2.51
N MET A 303 -1.40 6.76 3.71
CA MET A 303 -2.19 5.61 4.13
C MET A 303 -3.59 6.04 4.57
N PRO A 304 -4.55 5.12 4.60
CA PRO A 304 -5.87 5.45 5.14
C PRO A 304 -5.75 6.00 6.54
N PRO A 305 -6.53 7.01 6.90
CA PRO A 305 -6.38 7.64 8.23
C PRO A 305 -6.59 6.65 9.36
N ALA A 306 -7.46 5.66 9.17
CA ALA A 306 -7.68 4.70 10.23
C ALA A 306 -6.44 3.83 10.46
N HIS A 307 -5.68 3.56 9.41
CA HIS A 307 -4.46 2.77 9.57
C HIS A 307 -3.36 3.58 10.21
N ARG A 308 -3.27 4.87 9.89
CA ARG A 308 -2.41 5.76 10.67
C ARG A 308 -2.74 5.71 12.15
N ASN A 309 -4.02 5.76 12.47
CA ASN A 309 -4.43 5.77 13.87
C ASN A 309 -4.05 4.44 14.56
N PHE A 310 -4.17 3.33 13.83
CA PHE A 310 -3.70 2.04 14.35
C PHE A 310 -2.21 2.07 14.66
N LEU A 311 -1.39 2.55 13.72
CA LEU A 311 0.03 2.63 13.98
C LEU A 311 0.36 3.53 15.16
N CYS A 312 -0.34 4.66 15.29
CA CYS A 312 -0.10 5.53 16.43
CA CYS A 312 -0.11 5.54 16.42
C CYS A 312 -0.51 4.87 17.74
N SER A 313 -1.64 4.14 17.75
CA SER A 313 -2.04 3.43 18.97
C SER A 313 -1.00 2.39 19.39
N LEU A 314 -0.45 1.67 18.41
CA LEU A 314 0.57 0.66 18.70
C LEU A 314 1.77 1.28 19.41
N GLU A 315 2.20 2.44 18.97
CA GLU A 315 3.33 3.12 19.59
C GLU A 315 3.06 3.50 21.04
N SER A 316 1.79 3.58 21.45
CA SER A 316 1.44 4.00 22.80
CA SER A 316 1.43 4.00 22.80
C SER A 316 1.21 2.82 23.74
N ASN A 317 1.45 1.60 23.28
CA ASN A 317 1.33 0.41 24.10
C ASN A 317 2.65 0.11 24.81
N PRO A 318 2.62 -0.73 25.83
CA PRO A 318 3.89 -1.17 26.45
C PRO A 318 4.78 -1.87 25.43
N SER A 319 6.07 -1.96 25.76
CA SER A 319 7.08 -2.46 24.84
C SER A 319 7.29 -3.97 25.01
N VAL A 320 7.08 -4.70 23.91
CA VAL A 320 7.36 -6.13 23.87
C VAL A 320 8.82 -6.41 24.15
N ARG A 321 9.70 -5.62 23.50
CA ARG A 321 11.13 -5.83 23.63
C ARG A 321 11.59 -5.69 25.08
N GLU A 322 11.17 -4.60 25.75
CA GLU A 322 11.52 -4.41 27.16
C GLU A 322 11.00 -5.55 28.02
N PHE A 323 9.76 -6.01 27.76
CA PHE A 323 9.20 -7.11 28.53
C PHE A 323 10.04 -8.36 28.35
N VAL A 324 10.31 -8.72 27.11
CA VAL A 324 10.95 -10.00 26.80
C VAL A 324 12.31 -10.12 27.46
N LEU A 325 13.15 -9.09 27.29
CA LEU A 325 14.56 -9.25 27.66
C LEU A 325 14.74 -9.46 29.15
N SER A 326 13.75 -9.09 29.97
CA SER A 326 13.82 -9.14 31.44
C SER A 326 13.43 -10.48 32.03
N LYS A 327 13.12 -11.49 31.22
CA LYS A 327 12.52 -12.71 31.76
C LYS A 327 13.54 -13.82 32.04
N GLY A 328 14.80 -13.64 31.65
CA GLY A 328 15.71 -14.80 31.73
C GLY A 328 15.08 -16.02 31.14
N ASP A 329 14.41 -15.85 30.00
CA ASP A 329 13.52 -16.83 29.40
C ASP A 329 14.03 -17.04 27.98
N ALA A 330 14.77 -18.13 27.77
CA ALA A 330 15.31 -18.41 26.45
C ALA A 330 14.19 -18.50 25.41
N GLY A 331 13.02 -19.02 25.82
CA GLY A 331 11.96 -19.25 24.86
C GLY A 331 11.35 -17.97 24.35
N LEU A 332 11.06 -17.02 25.23
CA LEU A 332 10.58 -15.72 24.79
C LEU A 332 11.64 -15.00 23.97
N ARG A 333 12.91 -15.16 24.32
CA ARG A 333 13.93 -14.43 23.56
C ARG A 333 14.05 -14.99 22.14
N GLU A 334 14.01 -16.32 22.01
CA GLU A 334 14.07 -16.97 20.71
C GLU A 334 12.86 -16.61 19.86
N ALA A 335 11.66 -16.59 20.45
CA ALA A 335 10.49 -16.22 19.66
C ALA A 335 10.53 -14.75 19.25
N TYR A 336 10.89 -13.85 20.16
CA TYR A 336 11.12 -12.46 19.76
C TYR A 336 12.13 -12.41 18.59
N ASP A 337 13.23 -13.12 18.72
CA ASP A 337 14.29 -13.09 17.71
C ASP A 337 13.79 -13.62 16.37
N ALA A 338 12.87 -14.60 16.39
CA ALA A 338 12.34 -15.13 15.14
C ALA A 338 11.51 -14.09 14.41
N CYS A 339 10.79 -13.24 15.16
CA CYS A 339 10.06 -12.15 14.52
C CYS A 339 11.02 -11.13 13.94
N VAL A 340 12.06 -10.78 14.71
CA VAL A 340 12.99 -9.78 14.21
C VAL A 340 13.69 -10.33 12.97
N LYS A 341 14.08 -11.60 13.01
CA LYS A 341 14.77 -12.21 11.86
C LYS A 341 13.89 -12.20 10.61
N ALA A 342 12.60 -12.54 10.78
CA ALA A 342 11.67 -12.52 9.64
C ALA A 342 11.52 -11.12 9.07
N LEU A 343 11.52 -10.11 9.93
CA LEU A 343 11.45 -8.72 9.45
C LEU A 343 12.74 -8.32 8.73
N VAL A 344 13.89 -8.70 9.29
CA VAL A 344 15.15 -8.45 8.62
C VAL A 344 15.16 -9.11 7.24
N SER A 345 14.69 -10.36 7.14
CA SER A 345 14.68 -11.05 5.85
C SER A 345 13.77 -10.32 4.85
N LEU A 346 12.60 -9.84 5.31
CA LEU A 346 11.73 -9.11 4.41
C LEU A 346 12.39 -7.84 3.90
N ARG A 347 13.04 -7.09 4.79
CA ARG A 347 13.76 -5.89 4.37
C ARG A 347 14.89 -6.25 3.40
N SER A 348 15.62 -7.32 3.69
CA SER A 348 16.69 -7.74 2.80
C SER A 348 16.15 -8.05 1.40
N TYR A 349 15.04 -8.79 1.35
CA TYR A 349 14.41 -9.12 0.08
C TYR A 349 13.91 -7.87 -0.62
N HIS A 350 13.27 -6.97 0.14
N HIS A 350 13.29 -6.97 0.14
CA HIS A 350 12.84 -5.70 -0.43
CA HIS A 350 12.86 -5.71 -0.45
C HIS A 350 14.00 -4.99 -1.13
C HIS A 350 14.01 -4.99 -1.14
N LEU A 351 15.18 -4.99 -0.51
CA LEU A 351 16.35 -4.37 -1.14
C LEU A 351 16.73 -5.05 -2.44
N GLN A 352 16.73 -6.39 -2.46
CA GLN A 352 17.08 -7.09 -3.71
C GLN A 352 16.07 -6.84 -4.83
N ILE A 353 14.79 -6.66 -4.47
CA ILE A 353 13.78 -6.40 -5.50
C ILE A 353 13.93 -5.01 -6.08
N VAL A 354 14.12 -4.01 -5.21
CA VAL A 354 14.46 -2.67 -5.69
C VAL A 354 15.67 -2.75 -6.62
N THR A 355 16.66 -3.55 -6.26
CA THR A 355 17.85 -3.67 -7.09
C THR A 355 17.54 -4.27 -8.45
N LYS A 356 16.79 -5.37 -8.48
N LYS A 356 16.79 -5.37 -8.48
CA LYS A 356 16.50 -6.00 -9.77
CA LYS A 356 16.50 -6.02 -9.75
C LYS A 356 15.46 -5.23 -10.57
C LYS A 356 15.45 -5.25 -10.56
N TYR A 357 14.51 -4.58 -9.92
CA TYR A 357 13.39 -3.98 -10.63
C TYR A 357 13.49 -2.48 -10.79
N ILE A 358 14.47 -1.83 -10.16
CA ILE A 358 14.62 -0.39 -10.33
C ILE A 358 16.07 -0.04 -10.61
N LEU A 359 16.97 -0.34 -9.68
CA LEU A 359 18.34 0.13 -9.84
C LEU A 359 19.00 -0.44 -11.09
N ILE A 360 18.72 -1.68 -11.43
CA ILE A 360 19.43 -2.32 -12.54
C ILE A 360 18.82 -1.83 -13.86
N PRO A 361 17.51 -1.97 -14.08
CA PRO A 361 16.92 -1.43 -15.32
C PRO A 361 17.26 0.03 -15.54
N ALA A 362 17.32 0.83 -14.45
CA ALA A 362 17.70 2.22 -14.60
C ALA A 362 19.12 2.36 -15.14
N SER A 363 20.04 1.52 -14.64
CA SER A 363 21.42 1.60 -15.07
C SER A 363 21.57 1.38 -16.56
N GLN A 364 20.70 0.55 -17.14
CA GLN A 364 20.78 0.21 -18.56
C GLN A 364 20.24 1.30 -19.48
N GLN A 365 19.62 2.35 -18.91
CA GLN A 365 19.11 3.46 -19.70
C GLN A 365 18.34 4.43 -18.80
N THR A 386 21.71 5.68 -5.72
CA THR A 386 22.72 5.28 -4.74
C THR A 386 22.28 5.48 -3.30
N ASP A 387 21.61 6.61 -3.03
CA ASP A 387 21.09 6.87 -1.70
C ASP A 387 20.01 5.87 -1.31
N LEU A 388 19.32 5.33 -2.31
CA LEU A 388 18.29 4.32 -2.06
C LEU A 388 18.90 2.98 -1.67
N MET A 389 19.96 2.56 -2.39
CA MET A 389 20.64 1.32 -2.03
C MET A 389 21.20 1.40 -0.61
N ASN A 390 21.76 2.55 -0.23
CA ASN A 390 22.33 2.71 1.11
C ASN A 390 21.27 2.93 2.18
N PHE A 391 20.11 3.50 1.83
CA PHE A 391 19.00 3.57 2.78
C PHE A 391 18.50 2.17 3.13
N LEU A 392 18.20 1.36 2.10
CA LEU A 392 17.69 0.00 2.33
C LEU A 392 18.72 -0.89 3.03
N LYS A 393 20.02 -0.65 2.81
CA LYS A 393 21.04 -1.39 3.55
C LYS A 393 21.03 -1.02 5.03
N THR A 394 20.81 0.26 5.34
CA THR A 394 20.85 0.72 6.73
C THR A 394 19.60 0.30 7.49
N VAL A 395 18.43 0.37 6.85
CA VAL A 395 17.21 -0.12 7.48
C VAL A 395 17.36 -1.60 7.85
N ARG A 396 17.94 -2.41 6.94
CA ARG A 396 18.15 -3.82 7.23
C ARG A 396 19.11 -4.03 8.40
N SER A 397 20.16 -3.19 8.49
CA SER A 397 21.15 -3.33 9.55
C SER A 397 20.62 -2.85 10.90
N THR A 398 19.88 -1.74 10.90
CA THR A 398 19.18 -1.32 12.12
C THR A 398 18.28 -2.43 12.65
N THR A 399 17.51 -3.06 11.75
CA THR A 399 16.64 -4.16 12.15
C THR A 399 17.45 -5.29 12.79
N GLU A 400 18.53 -5.71 12.12
CA GLU A 400 19.34 -6.81 12.65
C GLU A 400 20.00 -6.42 13.96
N LYS A 401 20.30 -5.11 14.14
CA LYS A 401 20.83 -4.65 15.43
C LYS A 401 19.80 -4.74 16.56
N SER A 402 18.51 -4.89 16.23
CA SER A 402 17.47 -5.07 17.25
C SER A 402 17.37 -6.52 17.72
N LEU A 403 18.18 -7.43 17.19
CA LEU A 403 18.20 -8.78 17.72
C LEU A 403 18.72 -8.73 19.17
N LEU A 404 17.96 -9.34 20.08
CA LEU A 404 18.26 -9.25 21.49
C LEU A 404 19.37 -10.22 21.82
#